data_1XOC
#
_entry.id   1XOC
#
_cell.length_a   120.955
_cell.length_b   90.779
_cell.length_c   54.719
_cell.angle_alpha   90.00
_cell.angle_beta   90.00
_cell.angle_gamma   90.00
#
_symmetry.space_group_name_H-M   'P 21 21 2'
#
loop_
_entity.id
_entity.type
_entity.pdbx_description
1 polymer 'Oligopeptide-binding protein appA'
2 polymer 'Nonapeptide VDSKNTSSW'
3 non-polymer 'ZINC ION'
4 water water
#
loop_
_entity_poly.entity_id
_entity_poly.type
_entity_poly.pdbx_seq_one_letter_code
_entity_poly.pdbx_strand_id
1 'polypeptide(L)'
;SSGSKSSNSSAKKSAGKPQQGGDLVVGSIGEPTLFNSLYSTDDASTDIENMLYSFLTKTDEKLNVKLSLAESIKELDGGL
AYDVKIKKGVKFHDGKELTADDVVFTYSVPLSKDYKGERGSTYEMLKSVEKKGDYEVLFKLKYKDGNFYNNALDSTAILP
KHILGNVPIADLEENEFNRKKPIGSGPFKFKEWKQGQYIKLEANDDYFEGRPYLDTVTYKVIPDANAAEAQLQAGDINFF
NVPATDYKTAEKFNNLKIVTDLALSYVYIGWNEKNELFKDKKVRQALTTALDRESIVSQVLDGDGEVAYIPESPLSWNYP
KDIDVPKFEYNEKKAKQMLAEAGWKDTNGDGILDKDGKKFSFTLKTNQGNKVREDIAVVVQEQLKKIGIEVKTQIVEWSA
LVEQMNPPNWDFDAMVMGWSLSTFPDQYDIFHSSQIKKGLNYVWYKNAEADKLMKDAKSISDRKQYSKEYEQIYQKIAED
QPYTFLYYPNNHMAMPENLEGYKYHPKRDLYNIEKWWLAK
;
A
2 'polypeptide(L)' VDSKNTSSW B
#
# COMPACT_ATOMS: atom_id res chain seq x y z
N LYS A 17 3.86 -18.29 -30.52
CA LYS A 17 3.14 -16.97 -30.53
C LYS A 17 3.86 -15.87 -29.76
N PRO A 18 4.11 -16.02 -28.42
CA PRO A 18 4.81 -14.90 -27.76
C PRO A 18 6.17 -14.58 -28.37
N GLN A 19 6.47 -13.29 -28.43
CA GLN A 19 7.63 -12.73 -29.11
C GLN A 19 8.52 -12.06 -28.07
N GLN A 20 9.82 -12.34 -28.12
CA GLN A 20 10.76 -11.70 -27.23
C GLN A 20 11.09 -10.33 -27.77
N GLY A 21 11.35 -9.38 -26.88
CA GLY A 21 11.82 -8.08 -27.29
C GLY A 21 11.02 -6.91 -26.73
N GLY A 22 11.65 -5.74 -26.78
CA GLY A 22 10.98 -4.51 -26.43
C GLY A 22 11.32 -3.98 -25.06
N ASP A 23 10.95 -2.72 -24.86
CA ASP A 23 11.28 -1.98 -23.67
C ASP A 23 9.99 -1.30 -23.15
N LEU A 24 9.67 -1.56 -21.90
CA LEU A 24 8.51 -0.91 -21.30
C LEU A 24 9.02 0.23 -20.45
N VAL A 25 8.39 1.39 -20.58
CA VAL A 25 8.72 2.54 -19.76
C VAL A 25 7.45 2.93 -19.01
N VAL A 26 7.48 2.64 -17.72
CA VAL A 26 6.36 2.81 -16.79
C VAL A 26 6.52 4.18 -16.12
N GLY A 27 5.48 5.00 -16.23
CA GLY A 27 5.49 6.31 -15.57
C GLY A 27 5.00 6.14 -14.13
N SER A 28 5.68 6.76 -13.17
CA SER A 28 5.25 6.70 -11.78
C SER A 28 5.31 8.08 -11.19
N ILE A 29 4.31 8.44 -10.41
CA ILE A 29 4.37 9.76 -9.73
C ILE A 29 5.10 9.73 -8.39
N GLY A 30 5.55 8.57 -7.94
CA GLY A 30 6.28 8.45 -6.67
C GLY A 30 7.60 7.68 -6.84
N GLU A 31 8.67 8.20 -6.28
CA GLU A 31 9.96 7.50 -6.32
C GLU A 31 10.09 6.52 -5.18
N PRO A 32 10.60 5.30 -5.46
CA PRO A 32 10.88 4.39 -4.37
C PRO A 32 11.91 4.89 -3.37
N THR A 33 11.97 4.19 -2.24
CA THR A 33 12.92 4.48 -1.17
C THR A 33 14.01 3.40 -1.10
N LEU A 34 13.58 2.14 -1.08
CA LEU A 34 14.52 1.05 -1.05
C LEU A 34 13.84 -0.24 -1.49
N PHE A 35 14.62 -1.28 -1.76
CA PHE A 35 14.10 -2.53 -2.29
C PHE A 35 14.38 -3.65 -1.33
N ASN A 36 13.49 -3.79 -0.38
CA ASN A 36 13.61 -4.79 0.67
C ASN A 36 12.29 -4.88 1.44
N SER A 37 11.57 -5.99 1.25
CA SER A 37 10.23 -6.09 1.80
C SER A 37 10.17 -6.02 3.34
N LEU A 38 11.29 -6.25 4.01
CA LEU A 38 11.32 -6.18 5.47
C LEU A 38 11.28 -4.72 5.98
N TYR A 39 11.54 -3.73 5.12
CA TYR A 39 11.62 -2.36 5.52
C TYR A 39 10.69 -1.41 4.77
N SER A 40 10.40 -1.67 3.51
CA SER A 40 9.58 -0.77 2.76
C SER A 40 8.14 -0.74 3.26
N THR A 41 7.52 0.43 3.13
CA THR A 41 6.11 0.59 3.51
C THR A 41 5.24 1.12 2.36
N ASP A 42 5.85 1.37 1.19
CA ASP A 42 5.18 2.12 0.11
C ASP A 42 5.10 1.34 -1.19
N ASP A 43 4.09 1.62 -1.98
CA ASP A 43 3.85 0.85 -3.19
C ASP A 43 4.90 1.01 -4.28
N ALA A 44 5.56 2.15 -4.33
CA ALA A 44 6.58 2.35 -5.36
C ALA A 44 7.75 1.41 -5.10
N SER A 45 8.20 1.33 -3.85
CA SER A 45 9.22 0.35 -3.45
C SER A 45 8.75 -1.04 -3.76
N THR A 46 7.52 -1.33 -3.42
CA THR A 46 7.02 -2.68 -3.59
C THR A 46 6.96 -3.06 -5.09
N ASP A 47 6.62 -2.11 -5.97
CA ASP A 47 6.62 -2.38 -7.41
C ASP A 47 7.98 -2.90 -7.89
N ILE A 48 9.06 -2.28 -7.44
CA ILE A 48 10.39 -2.69 -7.89
C ILE A 48 10.76 -4.06 -7.25
N GLU A 49 10.48 -4.22 -5.94
CA GLU A 49 10.74 -5.46 -5.24
C GLU A 49 10.13 -6.69 -5.94
N ASN A 50 8.92 -6.50 -6.45
CA ASN A 50 8.23 -7.63 -7.10
C ASN A 50 8.83 -7.99 -8.45
N MET A 51 9.66 -7.13 -9.04
CA MET A 51 10.43 -7.45 -10.25
C MET A 51 11.78 -8.03 -9.92
N LEU A 52 12.43 -7.52 -8.86
CA LEU A 52 13.79 -7.99 -8.49
C LEU A 52 13.88 -9.33 -7.77
N TYR A 53 12.86 -9.65 -6.95
CA TYR A 53 12.94 -10.75 -6.00
C TYR A 53 11.92 -11.80 -6.32
N SER A 54 12.07 -12.93 -5.64
CA SER A 54 11.08 -13.99 -5.63
C SER A 54 10.48 -14.13 -4.22
N PHE A 55 9.32 -14.80 -4.21
CA PHE A 55 8.46 -14.96 -3.04
C PHE A 55 7.96 -16.41 -3.03
N LEU A 56 7.77 -16.95 -1.83
CA LEU A 56 7.33 -18.31 -1.72
C LEU A 56 5.97 -18.52 -2.41
N THR A 57 5.07 -17.56 -2.28
CA THR A 57 3.75 -17.60 -2.91
C THR A 57 3.47 -16.31 -3.65
N LYS A 58 2.38 -16.25 -4.38
CA LYS A 58 1.98 -15.10 -5.16
C LYS A 58 0.46 -15.10 -5.20
N THR A 59 -0.15 -13.95 -4.96
CA THR A 59 -1.59 -13.83 -5.01
C THR A 59 -1.97 -13.35 -6.41
N ASP A 60 -2.82 -14.14 -7.07
CA ASP A 60 -3.14 -13.89 -8.46
C ASP A 60 -4.24 -12.85 -8.64
N GLU A 61 -4.58 -12.59 -9.90
CA GLU A 61 -5.56 -11.54 -10.22
C GLU A 61 -6.97 -11.79 -9.71
N LYS A 62 -7.28 -13.03 -9.32
CA LYS A 62 -8.52 -13.38 -8.64
C LYS A 62 -8.38 -13.40 -7.11
N LEU A 63 -7.20 -13.02 -6.62
CA LEU A 63 -6.89 -12.91 -5.21
C LEU A 63 -6.80 -14.28 -4.53
N ASN A 64 -6.36 -15.27 -5.32
CA ASN A 64 -6.04 -16.59 -4.81
C ASN A 64 -4.56 -16.75 -4.60
N VAL A 65 -4.17 -17.44 -3.53
CA VAL A 65 -2.77 -17.71 -3.25
C VAL A 65 -2.29 -18.88 -4.11
N LYS A 66 -1.21 -18.68 -4.84
CA LYS A 66 -0.58 -19.67 -5.70
C LYS A 66 0.86 -19.88 -5.28
N LEU A 67 1.41 -21.06 -5.47
CA LEU A 67 2.82 -21.32 -5.23
C LEU A 67 3.68 -20.57 -6.25
N SER A 68 4.82 -20.00 -5.83
CA SER A 68 5.72 -19.39 -6.78
C SER A 68 7.13 -20.02 -6.58
N LEU A 69 7.93 -19.51 -5.64
CA LEU A 69 9.21 -20.13 -5.33
C LEU A 69 9.03 -21.50 -4.63
N ALA A 70 7.96 -21.64 -3.84
CA ALA A 70 7.66 -22.89 -3.17
C ALA A 70 7.23 -23.99 -4.16
N GLU A 71 7.78 -25.19 -3.98
CA GLU A 71 7.33 -26.41 -4.68
C GLU A 71 6.09 -26.96 -4.02
N SER A 72 6.04 -26.92 -2.69
CA SER A 72 4.88 -27.33 -1.94
C SER A 72 4.85 -26.70 -0.55
N ILE A 73 3.64 -26.53 -0.02
CA ILE A 73 3.40 -26.02 1.34
C ILE A 73 2.38 -26.94 2.00
N LYS A 74 2.75 -27.48 3.16
CA LYS A 74 1.85 -28.31 3.95
C LYS A 74 1.53 -27.61 5.25
N GLU A 75 0.25 -27.41 5.52
CA GLU A 75 -0.18 -26.90 6.82
C GLU A 75 -0.22 -28.00 7.87
N LEU A 76 0.46 -27.78 8.99
CA LEU A 76 0.55 -28.76 10.05
C LEU A 76 -0.06 -28.25 11.35
N ASP A 77 -0.30 -29.15 12.29
CA ASP A 77 -0.68 -28.76 13.65
C ASP A 77 -1.83 -27.76 13.64
N GLY A 78 -2.80 -28.01 12.77
CA GLY A 78 -3.99 -27.15 12.68
C GLY A 78 -3.74 -25.70 12.30
N GLY A 79 -2.59 -25.40 11.70
CA GLY A 79 -2.20 -24.03 11.39
C GLY A 79 -1.12 -23.43 12.24
N LEU A 80 -0.56 -24.22 13.16
CA LEU A 80 0.56 -23.77 13.98
C LEU A 80 1.94 -24.04 13.37
N ALA A 81 1.98 -24.67 12.20
CA ALA A 81 3.23 -24.85 11.49
C ALA A 81 2.99 -25.02 9.99
N TYR A 82 4.01 -24.69 9.20
CA TYR A 82 3.99 -24.85 7.73
C TYR A 82 5.30 -25.42 7.26
N ASP A 83 5.23 -26.56 6.58
CA ASP A 83 6.42 -27.23 6.00
C ASP A 83 6.49 -26.87 4.54
N VAL A 84 7.57 -26.19 4.15
CA VAL A 84 7.69 -25.60 2.83
C VAL A 84 8.88 -26.17 2.09
N LYS A 85 8.62 -26.76 0.93
CA LYS A 85 9.67 -27.24 0.05
C LYS A 85 9.88 -26.20 -1.03
N ILE A 86 11.13 -25.91 -1.33
CA ILE A 86 11.55 -24.83 -2.23
C ILE A 86 11.97 -25.45 -3.55
N LYS A 87 11.56 -24.85 -4.67
CA LYS A 87 12.06 -25.28 -5.99
C LYS A 87 13.58 -25.28 -6.05
N LYS A 88 14.14 -26.29 -6.72
CA LYS A 88 15.58 -26.43 -6.89
C LYS A 88 16.01 -25.77 -8.19
N GLY A 89 17.24 -25.28 -8.21
CA GLY A 89 17.82 -24.70 -9.42
C GLY A 89 17.49 -23.25 -9.65
N VAL A 90 16.90 -22.60 -8.65
CA VAL A 90 16.61 -21.17 -8.73
C VAL A 90 17.89 -20.41 -8.40
N LYS A 91 18.25 -19.46 -9.24
CA LYS A 91 19.48 -18.69 -9.04
C LYS A 91 19.22 -17.23 -8.69
N PHE A 92 20.06 -16.68 -7.81
CA PHE A 92 20.18 -15.25 -7.67
C PHE A 92 20.88 -14.63 -8.90
N HIS A 93 20.76 -13.33 -9.04
CA HIS A 93 21.35 -12.62 -10.19
C HIS A 93 22.88 -12.72 -10.29
N ASP A 94 23.52 -13.16 -9.21
CA ASP A 94 24.98 -13.38 -9.19
C ASP A 94 25.34 -14.80 -9.61
N GLY A 95 24.35 -15.60 -9.98
CA GLY A 95 24.57 -16.97 -10.43
C GLY A 95 24.56 -18.04 -9.37
N LYS A 96 24.37 -17.63 -8.11
CA LYS A 96 24.36 -18.56 -7.00
C LYS A 96 22.99 -19.10 -6.68
N GLU A 97 22.99 -20.36 -6.25
CA GLU A 97 21.75 -21.08 -6.03
C GLU A 97 21.02 -20.54 -4.81
N LEU A 98 19.71 -20.35 -4.94
CA LEU A 98 18.87 -19.98 -3.79
C LEU A 98 18.53 -21.25 -3.04
N THR A 99 18.69 -21.23 -1.72
CA THR A 99 18.42 -22.43 -0.94
C THR A 99 17.65 -22.10 0.33
N ALA A 100 17.32 -23.12 1.13
CA ALA A 100 16.65 -22.92 2.43
C ALA A 100 17.37 -21.92 3.30
N ASP A 101 18.70 -21.84 3.20
CA ASP A 101 19.49 -20.90 4.03
C ASP A 101 18.94 -19.48 3.86
N ASP A 102 18.62 -19.15 2.62
CA ASP A 102 18.16 -17.80 2.29
C ASP A 102 16.80 -17.50 2.85
N VAL A 103 15.93 -18.49 2.82
CA VAL A 103 14.59 -18.33 3.36
C VAL A 103 14.62 -18.22 4.88
N VAL A 104 15.41 -19.08 5.52
CA VAL A 104 15.57 -19.02 6.96
C VAL A 104 16.18 -17.67 7.38
N PHE A 105 17.20 -17.24 6.66
CA PHE A 105 17.80 -15.94 6.92
C PHE A 105 16.76 -14.84 6.86
N THR A 106 16.03 -14.78 5.75
CA THR A 106 15.15 -13.64 5.49
C THR A 106 14.04 -13.57 6.53
N TYR A 107 13.38 -14.67 6.81
CA TYR A 107 12.27 -14.60 7.75
C TYR A 107 12.69 -14.51 9.21
N SER A 108 13.97 -14.82 9.51
CA SER A 108 14.51 -14.69 10.87
C SER A 108 14.84 -13.24 11.23
N VAL A 109 15.06 -12.40 10.22
CA VAL A 109 15.48 -11.00 10.48
C VAL A 109 14.44 -10.26 11.34
N PRO A 110 13.15 -10.27 10.94
CA PRO A 110 12.16 -9.56 11.79
C PRO A 110 11.87 -10.20 13.16
N LEU A 111 12.43 -11.37 13.43
CA LEU A 111 12.31 -12.01 14.75
C LEU A 111 13.43 -11.57 15.71
N SER A 112 14.42 -10.86 15.18
CA SER A 112 15.54 -10.37 15.99
C SER A 112 15.14 -9.20 16.87
N LYS A 113 15.70 -9.16 18.07
CA LYS A 113 15.51 -7.99 18.94
C LYS A 113 16.08 -6.71 18.30
N ASP A 114 16.97 -6.85 17.31
CA ASP A 114 17.60 -5.71 16.66
C ASP A 114 16.90 -5.25 15.40
N TYR A 115 15.80 -5.90 15.03
CA TYR A 115 15.02 -5.48 13.87
C TYR A 115 14.34 -4.13 14.11
N LYS A 116 14.64 -3.16 13.25
CA LYS A 116 14.12 -1.79 13.38
C LYS A 116 13.11 -1.36 12.31
N GLY A 117 12.50 -2.31 11.61
CA GLY A 117 11.56 -2.00 10.54
C GLY A 117 10.14 -1.81 11.04
N GLU A 118 9.26 -1.40 10.12
CA GLU A 118 7.85 -1.18 10.39
C GLU A 118 6.95 -2.37 10.04
N ARG A 119 7.54 -3.50 9.64
CA ARG A 119 6.77 -4.66 9.17
C ARG A 119 6.66 -5.77 10.20
N GLY A 120 6.84 -5.44 11.47
CA GLY A 120 6.77 -6.46 12.53
C GLY A 120 5.48 -7.26 12.58
N SER A 121 4.35 -6.61 12.28
CA SER A 121 3.00 -7.20 12.31
C SER A 121 2.90 -8.45 11.45
N THR A 122 3.60 -8.43 10.33
CA THR A 122 3.57 -9.52 9.38
C THR A 122 4.20 -10.82 9.91
N TYR A 123 5.11 -10.69 10.89
CA TYR A 123 5.93 -11.81 11.38
C TYR A 123 5.71 -12.12 12.84
N GLU A 124 4.91 -11.32 13.55
CA GLU A 124 4.83 -11.51 15.00
C GLU A 124 4.18 -12.82 15.46
N MET A 125 3.47 -13.47 14.56
CA MET A 125 2.92 -14.78 14.87
C MET A 125 3.98 -15.88 14.83
N LEU A 126 5.16 -15.62 14.27
CA LEU A 126 6.20 -16.65 14.14
C LEU A 126 6.97 -16.85 15.43
N LYS A 127 7.14 -18.11 15.79
CA LYS A 127 8.01 -18.50 16.87
C LYS A 127 9.42 -18.74 16.35
N SER A 128 9.52 -19.50 15.26
CA SER A 128 10.81 -19.85 14.68
C SER A 128 10.70 -20.27 13.23
N VAL A 129 11.85 -20.28 12.61
CA VAL A 129 11.95 -20.72 11.24
C VAL A 129 13.21 -21.57 11.15
N GLU A 130 13.06 -22.85 10.71
CA GLU A 130 14.10 -23.86 10.82
C GLU A 130 14.42 -24.49 9.49
N LYS A 131 15.69 -24.70 9.24
CA LYS A 131 16.12 -25.43 8.07
C LYS A 131 15.98 -26.91 8.31
N LYS A 132 15.27 -27.56 7.41
CA LYS A 132 15.08 -29.02 7.47
C LYS A 132 15.79 -29.78 6.34
N GLY A 133 16.42 -29.07 5.43
CA GLY A 133 17.13 -29.68 4.34
C GLY A 133 17.59 -28.57 3.44
N ASP A 134 18.37 -28.89 2.41
CA ASP A 134 18.87 -27.84 1.52
C ASP A 134 17.75 -27.01 0.89
N TYR A 135 16.59 -27.63 0.66
CA TYR A 135 15.47 -26.96 0.02
C TYR A 135 14.19 -27.07 0.85
N GLU A 136 14.32 -27.18 2.17
CA GLU A 136 13.13 -27.36 3.00
C GLU A 136 13.19 -26.56 4.28
N VAL A 137 12.08 -25.89 4.59
CA VAL A 137 12.00 -25.06 5.78
C VAL A 137 10.72 -25.30 6.55
N LEU A 138 10.80 -25.30 7.87
CA LEU A 138 9.62 -25.44 8.73
C LEU A 138 9.39 -24.12 9.47
N PHE A 139 8.21 -23.54 9.24
CA PHE A 139 7.76 -22.38 9.99
C PHE A 139 6.90 -22.82 11.15
N LYS A 140 7.21 -22.33 12.35
CA LYS A 140 6.44 -22.65 13.54
C LYS A 140 5.85 -21.37 14.12
N LEU A 141 4.56 -21.43 14.45
CA LEU A 141 3.84 -20.26 14.92
C LEU A 141 3.53 -20.34 16.42
N LYS A 142 3.47 -19.16 17.04
CA LYS A 142 3.15 -19.03 18.46
C LYS A 142 1.65 -19.18 18.70
N TYR A 143 0.86 -18.79 17.69
CA TYR A 143 -0.61 -18.88 17.73
C TYR A 143 -1.10 -18.85 16.27
N LYS A 144 -2.35 -19.26 16.04
CA LYS A 144 -2.91 -19.31 14.70
C LYS A 144 -3.20 -17.89 14.22
N ASP A 145 -2.81 -17.62 12.98
CA ASP A 145 -3.07 -16.33 12.35
C ASP A 145 -2.96 -16.49 10.85
N GLY A 146 -4.11 -16.34 10.20
CA GLY A 146 -4.18 -16.45 8.74
C GLY A 146 -3.33 -15.44 7.97
N ASN A 147 -2.86 -14.39 8.62
CA ASN A 147 -1.94 -13.48 7.97
C ASN A 147 -0.63 -14.13 7.54
N PHE A 148 -0.24 -15.21 8.20
CA PHE A 148 1.01 -15.82 7.84
C PHE A 148 0.91 -16.45 6.44
N TYR A 149 0.03 -17.44 6.27
CA TYR A 149 -0.07 -18.07 4.98
C TYR A 149 -0.47 -17.06 3.88
N ASN A 150 -1.38 -16.14 4.23
CA ASN A 150 -2.09 -15.38 3.20
C ASN A 150 -1.42 -14.07 2.89
N ASN A 151 -0.54 -13.64 3.78
CA ASN A 151 0.16 -12.36 3.57
C ASN A 151 1.69 -12.44 3.69
N ALA A 152 2.21 -13.12 4.70
CA ALA A 152 3.65 -13.16 4.91
C ALA A 152 4.35 -13.85 3.76
N LEU A 153 3.79 -14.99 3.32
CA LEU A 153 4.43 -15.78 2.27
C LEU A 153 4.54 -15.07 0.92
N ASP A 154 3.58 -14.22 0.59
CA ASP A 154 3.65 -13.57 -0.72
C ASP A 154 4.27 -12.18 -0.62
N SER A 155 4.47 -11.70 0.61
CA SER A 155 5.02 -10.34 0.84
C SER A 155 6.50 -10.30 1.13
N THR A 156 7.09 -11.46 1.43
CA THR A 156 8.46 -11.56 1.88
C THR A 156 9.41 -11.94 0.75
N ALA A 157 10.12 -10.93 0.26
CA ALA A 157 11.14 -11.14 -0.78
C ALA A 157 12.32 -11.89 -0.21
N ILE A 158 12.75 -12.96 -0.91
CA ILE A 158 13.83 -13.80 -0.42
C ILE A 158 15.19 -13.13 -0.74
N LEU A 159 15.96 -12.91 0.33
CA LEU A 159 17.26 -12.25 0.22
C LEU A 159 18.42 -13.24 0.27
N PRO A 160 19.57 -12.89 -0.36
CA PRO A 160 20.73 -13.77 -0.38
C PRO A 160 21.58 -13.72 0.91
N LYS A 161 21.57 -14.80 1.67
CA LYS A 161 22.33 -14.90 2.88
C LYS A 161 23.84 -14.76 2.60
N HIS A 162 24.30 -15.28 1.47
CA HIS A 162 25.72 -15.21 1.18
C HIS A 162 26.18 -13.79 0.91
N ILE A 163 25.23 -12.87 0.78
CA ILE A 163 25.60 -11.45 0.71
C ILE A 163 25.37 -10.73 2.05
N LEU A 164 24.19 -10.96 2.64
CA LEU A 164 23.73 -10.14 3.78
C LEU A 164 23.77 -10.84 5.14
N GLY A 165 24.17 -12.11 5.15
CA GLY A 165 24.02 -12.97 6.32
C GLY A 165 24.86 -12.56 7.51
N ASN A 166 25.89 -11.75 7.28
CA ASN A 166 26.73 -11.27 8.38
C ASN A 166 26.62 -9.78 8.62
N VAL A 167 25.68 -9.09 7.98
CA VAL A 167 25.40 -7.67 8.29
C VAL A 167 24.65 -7.60 9.60
N PRO A 168 25.09 -6.78 10.55
CA PRO A 168 24.34 -6.64 11.82
C PRO A 168 22.90 -6.23 11.52
N ILE A 169 21.94 -6.91 12.13
CA ILE A 169 20.56 -6.65 11.78
C ILE A 169 20.16 -5.20 12.06
N ALA A 170 20.72 -4.59 13.12
CA ALA A 170 20.50 -3.16 13.38
C ALA A 170 20.84 -2.25 12.19
N ASP A 171 21.75 -2.69 11.33
CA ASP A 171 22.24 -1.87 10.23
C ASP A 171 21.76 -2.34 8.86
N LEU A 172 20.84 -3.30 8.82
CA LEU A 172 20.45 -3.87 7.53
C LEU A 172 19.72 -2.87 6.63
N GLU A 173 18.87 -2.03 7.20
CA GLU A 173 18.07 -1.12 6.35
C GLU A 173 18.95 -0.13 5.58
N GLU A 174 20.01 0.36 6.22
CA GLU A 174 20.92 1.31 5.61
C GLU A 174 21.86 0.70 4.56
N ASN A 175 21.91 -0.62 4.43
CA ASN A 175 22.92 -1.23 3.56
C ASN A 175 22.70 -0.86 2.10
N GLU A 176 23.80 -0.61 1.36
CA GLU A 176 23.72 -0.27 -0.07
C GLU A 176 23.02 -1.34 -0.94
N PHE A 177 23.00 -2.58 -0.46
CA PHE A 177 22.23 -3.62 -1.11
C PHE A 177 20.82 -3.15 -1.44
N ASN A 178 20.24 -2.37 -0.54
CA ASN A 178 18.79 -2.08 -0.66
C ASN A 178 18.47 -0.98 -1.67
N ARG A 179 19.52 -0.31 -2.16
CA ARG A 179 19.31 0.81 -3.07
C ARG A 179 20.02 0.62 -4.41
N LYS A 180 21.35 0.49 -4.37
CA LYS A 180 22.01 0.37 -5.69
CA LYS A 180 22.03 0.37 -5.64
C LYS A 180 22.87 -0.86 -5.90
N LYS A 181 22.78 -1.85 -5.02
CA LYS A 181 23.34 -3.15 -5.31
C LYS A 181 22.42 -4.31 -4.98
N PRO A 182 21.14 -4.21 -5.30
CA PRO A 182 20.29 -5.33 -4.91
C PRO A 182 20.54 -6.56 -5.77
N ILE A 183 20.50 -7.73 -5.15
CA ILE A 183 20.65 -9.02 -5.83
C ILE A 183 19.48 -9.88 -5.39
N GLY A 184 18.64 -10.30 -6.34
CA GLY A 184 17.46 -11.09 -6.09
C GLY A 184 17.43 -12.25 -7.05
N SER A 185 16.35 -13.03 -7.01
CA SER A 185 16.17 -14.13 -7.94
C SER A 185 14.97 -13.85 -8.86
N GLY A 186 14.50 -12.58 -8.90
CA GLY A 186 13.30 -12.29 -9.65
C GLY A 186 13.56 -12.12 -11.12
N PRO A 187 12.51 -11.84 -11.88
CA PRO A 187 12.56 -11.85 -13.33
C PRO A 187 13.36 -10.74 -13.97
N PHE A 188 13.66 -9.68 -13.22
CA PHE A 188 14.42 -8.55 -13.78
C PHE A 188 15.56 -8.24 -12.83
N LYS A 189 16.69 -7.87 -13.42
CA LYS A 189 17.91 -7.49 -12.68
C LYS A 189 18.08 -5.96 -12.62
N PHE A 190 18.65 -5.47 -11.53
CA PHE A 190 18.94 -4.06 -11.39
C PHE A 190 20.05 -3.60 -12.32
N LYS A 191 19.81 -2.51 -13.06
CA LYS A 191 20.86 -1.88 -13.86
C LYS A 191 21.31 -0.53 -13.30
N GLU A 192 20.37 0.38 -13.05
CA GLU A 192 20.72 1.74 -12.68
C GLU A 192 19.55 2.42 -11.97
N TRP A 193 19.86 3.25 -10.98
CA TRP A 193 18.88 4.14 -10.37
C TRP A 193 19.46 5.56 -10.39
N LYS A 194 18.99 6.34 -11.36
CA LYS A 194 19.35 7.75 -11.49
C LYS A 194 18.36 8.51 -10.63
N GLN A 195 18.85 9.00 -9.49
CA GLN A 195 18.02 9.53 -8.44
C GLN A 195 17.15 10.68 -8.99
N GLY A 196 15.85 10.61 -8.71
CA GLY A 196 14.90 11.59 -9.17
C GLY A 196 14.45 11.45 -10.61
N GLN A 197 14.94 10.42 -11.33
CA GLN A 197 14.66 10.33 -12.75
C GLN A 197 14.10 8.96 -13.12
N TYR A 198 14.87 7.91 -12.85
CA TYR A 198 14.41 6.56 -13.24
C TYR A 198 15.19 5.43 -12.59
N ILE A 199 14.54 4.28 -12.58
CA ILE A 199 15.17 3.00 -12.23
C ILE A 199 15.05 2.13 -13.49
N LYS A 200 16.17 1.62 -13.95
CA LYS A 200 16.21 0.74 -15.13
C LYS A 200 16.56 -0.67 -14.71
N LEU A 201 15.72 -1.62 -15.14
CA LEU A 201 15.92 -3.06 -14.93
C LEU A 201 16.00 -3.81 -16.27
N GLU A 202 16.74 -4.92 -16.28
CA GLU A 202 17.00 -5.72 -17.50
C GLU A 202 16.47 -7.11 -17.24
N ALA A 203 15.99 -7.75 -18.30
CA ALA A 203 15.49 -9.12 -18.21
C ALA A 203 16.55 -10.01 -17.64
N ASN A 204 16.16 -10.82 -16.67
CA ASN A 204 16.99 -11.86 -16.13
C ASN A 204 16.95 -13.10 -17.03
N ASP A 205 18.02 -13.34 -17.78
CA ASP A 205 18.09 -14.45 -18.71
C ASP A 205 17.97 -15.83 -18.03
N ASP A 206 18.30 -15.88 -16.75
CA ASP A 206 18.28 -17.16 -16.00
C ASP A 206 17.10 -17.27 -15.04
N TYR A 207 16.05 -16.49 -15.26
CA TYR A 207 14.91 -16.54 -14.37
C TYR A 207 14.31 -17.94 -14.37
N PHE A 208 13.93 -18.39 -13.17
CA PHE A 208 13.49 -19.80 -13.03
C PHE A 208 12.26 -20.22 -13.81
N GLU A 209 11.38 -19.30 -14.18
CA GLU A 209 10.21 -19.62 -15.00
C GLU A 209 10.43 -19.30 -16.47
N GLY A 210 11.64 -18.91 -16.82
CA GLY A 210 11.99 -18.50 -18.18
C GLY A 210 12.18 -16.99 -18.22
N ARG A 211 13.11 -16.56 -19.07
CA ARG A 211 13.34 -15.14 -19.26
C ARG A 211 12.05 -14.36 -19.58
N PRO A 212 11.93 -13.14 -19.02
CA PRO A 212 10.91 -12.23 -19.55
C PRO A 212 10.96 -12.09 -21.05
N TYR A 213 9.81 -11.79 -21.65
CA TYR A 213 9.81 -11.42 -23.07
C TYR A 213 10.39 -10.01 -23.28
N LEU A 214 10.00 -9.08 -22.43
CA LEU A 214 10.49 -7.71 -22.49
C LEU A 214 11.97 -7.68 -22.14
N ASP A 215 12.74 -6.89 -22.88
CA ASP A 215 14.19 -6.79 -22.67
C ASP A 215 14.52 -5.94 -21.45
N THR A 216 13.81 -4.82 -21.30
CA THR A 216 13.99 -3.92 -20.18
C THR A 216 12.67 -3.35 -19.67
N VAL A 217 12.67 -2.98 -18.40
CA VAL A 217 11.61 -2.20 -17.80
C VAL A 217 12.22 -1.00 -17.10
N THR A 218 11.72 0.18 -17.44
CA THR A 218 12.19 1.41 -16.84
C THR A 218 11.05 2.03 -16.04
N TYR A 219 11.33 2.37 -14.79
CA TYR A 219 10.35 2.98 -13.91
C TYR A 219 10.74 4.44 -13.83
N LYS A 220 10.00 5.26 -14.54
CA LYS A 220 10.37 6.64 -14.76
C LYS A 220 9.62 7.54 -13.80
N VAL A 221 10.36 8.28 -12.99
CA VAL A 221 9.75 9.09 -11.96
C VAL A 221 9.35 10.45 -12.51
N ILE A 222 8.04 10.72 -12.47
CA ILE A 222 7.49 11.94 -12.98
C ILE A 222 6.49 12.49 -11.96
N PRO A 223 6.93 13.28 -10.99
CA PRO A 223 5.99 13.71 -9.91
C PRO A 223 5.10 14.87 -10.30
N ASP A 224 4.31 14.63 -11.34
CA ASP A 224 3.40 15.56 -11.95
C ASP A 224 2.56 14.78 -12.94
N ALA A 225 1.32 14.49 -12.56
CA ALA A 225 0.45 13.62 -13.35
C ALA A 225 0.22 14.20 -14.75
N ASN A 226 0.14 15.52 -14.85
CA ASN A 226 -0.12 16.17 -16.14
C ASN A 226 1.08 15.98 -17.07
N ALA A 227 2.29 16.10 -16.52
CA ALA A 227 3.51 15.88 -17.28
C ALA A 227 3.61 14.44 -17.75
N ALA A 228 3.18 13.49 -16.92
CA ALA A 228 3.24 12.08 -17.27
C ALA A 228 2.27 11.81 -18.39
N GLU A 229 1.09 12.41 -18.32
CA GLU A 229 0.12 12.28 -19.42
C GLU A 229 0.67 12.82 -20.74
N ALA A 230 1.31 13.98 -20.68
CA ALA A 230 1.98 14.53 -21.86
C ALA A 230 3.08 13.60 -22.40
N GLN A 231 3.85 12.96 -21.52
CA GLN A 231 4.89 12.03 -21.97
C GLN A 231 4.31 10.79 -22.61
N LEU A 232 3.18 10.32 -22.07
CA LEU A 232 2.44 9.21 -22.64
C LEU A 232 1.98 9.51 -24.07
N GLN A 233 1.42 10.70 -24.28
CA GLN A 233 1.04 11.17 -25.62
C GLN A 233 2.23 11.15 -26.58
N ALA A 234 3.39 11.57 -26.09
CA ALA A 234 4.59 11.72 -26.94
C ALA A 234 5.31 10.40 -27.17
N GLY A 235 4.99 9.37 -26.41
CA GLY A 235 5.71 8.10 -26.50
C GLY A 235 6.96 8.01 -25.67
N ASP A 236 7.16 8.96 -24.77
CA ASP A 236 8.31 8.93 -23.86
C ASP A 236 8.10 7.95 -22.70
N ILE A 237 6.84 7.68 -22.34
CA ILE A 237 6.48 6.54 -21.53
C ILE A 237 5.40 5.79 -22.31
N ASN A 238 5.22 4.52 -21.98
CA ASN A 238 4.24 3.71 -22.67
C ASN A 238 3.38 2.86 -21.75
N PHE A 239 3.44 3.11 -20.44
CA PHE A 239 2.57 2.42 -19.48
C PHE A 239 2.32 3.37 -18.31
N PHE A 240 1.05 3.62 -17.99
CA PHE A 240 0.72 4.64 -16.98
C PHE A 240 -0.70 4.48 -16.50
N ASN A 241 -0.93 4.75 -15.20
CA ASN A 241 -2.27 4.83 -14.61
C ASN A 241 -2.81 6.23 -14.81
N VAL A 242 -3.61 6.38 -15.86
CA VAL A 242 -4.13 7.68 -16.25
C VAL A 242 -5.21 8.16 -15.28
N PRO A 243 -5.09 9.38 -14.77
CA PRO A 243 -6.19 9.94 -13.96
C PRO A 243 -7.52 9.92 -14.71
N ALA A 244 -8.62 9.68 -14.00
CA ALA A 244 -9.94 9.60 -14.65
C ALA A 244 -10.31 10.83 -15.46
N THR A 245 -9.94 12.00 -14.97
CA THR A 245 -10.24 13.25 -15.65
C THR A 245 -9.56 13.36 -17.01
N ASP A 246 -8.48 12.59 -17.22
CA ASP A 246 -7.76 12.59 -18.49
C ASP A 246 -8.10 11.39 -19.40
N TYR A 247 -9.10 10.60 -19.03
CA TYR A 247 -9.44 9.40 -19.81
C TYR A 247 -9.77 9.72 -21.27
N LYS A 248 -10.66 10.67 -21.50
CA LYS A 248 -11.12 10.96 -22.85
C LYS A 248 -10.00 11.55 -23.70
N THR A 249 -9.07 12.24 -23.06
CA THR A 249 -7.88 12.72 -23.74
C THR A 249 -6.99 11.53 -24.15
N ALA A 250 -6.65 10.69 -23.19
CA ALA A 250 -5.70 9.62 -23.40
C ALA A 250 -6.19 8.52 -24.33
N GLU A 251 -7.48 8.28 -24.34
CA GLU A 251 -8.01 7.22 -25.19
C GLU A 251 -7.81 7.53 -26.67
N LYS A 252 -7.54 8.78 -27.01
CA LYS A 252 -7.24 9.19 -28.39
C LYS A 252 -5.76 9.08 -28.76
N PHE A 253 -4.89 8.84 -27.79
CA PHE A 253 -3.45 8.81 -28.04
C PHE A 253 -3.10 7.64 -28.93
N ASN A 254 -2.04 7.80 -29.71
CA ASN A 254 -1.66 6.78 -30.67
C ASN A 254 -0.98 5.62 -29.99
N ASN A 255 -1.26 4.43 -30.52
CA ASN A 255 -0.53 3.22 -30.19
C ASN A 255 -0.82 2.70 -28.77
N LEU A 256 -1.98 3.04 -28.21
CA LEU A 256 -2.31 2.68 -26.80
C LEU A 256 -3.73 2.15 -26.64
N LYS A 257 -3.91 1.33 -25.60
CA LYS A 257 -5.21 0.88 -25.14
C LYS A 257 -5.26 1.06 -23.62
N ILE A 258 -6.47 1.14 -23.06
CA ILE A 258 -6.64 1.42 -21.63
C ILE A 258 -7.50 0.36 -21.02
N VAL A 259 -6.99 -0.26 -19.95
CA VAL A 259 -7.73 -1.28 -19.21
C VAL A 259 -8.15 -0.65 -17.87
N THR A 260 -9.44 -0.72 -17.55
CA THR A 260 -10.03 -0.03 -16.40
C THR A 260 -10.77 -1.01 -15.47
N ASP A 261 -10.52 -0.89 -14.17
CA ASP A 261 -11.27 -1.63 -13.14
C ASP A 261 -11.01 -1.05 -11.77
N LEU A 262 -11.77 -1.51 -10.78
CA LEU A 262 -11.60 -1.09 -9.40
C LEU A 262 -10.24 -1.49 -8.85
N ALA A 263 -9.58 -0.54 -8.17
CA ALA A 263 -8.33 -0.81 -7.44
C ALA A 263 -8.58 -1.39 -6.05
N LEU A 264 -7.64 -2.22 -5.55
CA LEU A 264 -7.75 -2.75 -4.19
C LEU A 264 -7.20 -1.71 -3.20
N SER A 265 -7.98 -0.67 -2.95
CA SER A 265 -7.45 0.55 -2.34
C SER A 265 -8.60 1.38 -1.81
N TYR A 266 -8.27 2.29 -0.90
CA TYR A 266 -9.15 3.44 -0.64
C TYR A 266 -8.26 4.64 -0.34
N VAL A 267 -8.84 5.82 -0.55
CA VAL A 267 -8.18 7.10 -0.26
C VAL A 267 -8.95 7.69 0.92
N TYR A 268 -8.23 8.39 1.79
CA TYR A 268 -8.75 8.82 3.07
C TYR A 268 -8.03 10.07 3.53
N ILE A 269 -8.59 10.72 4.54
CA ILE A 269 -7.86 11.70 5.33
C ILE A 269 -7.51 11.10 6.67
N GLY A 270 -6.22 11.08 6.96
CA GLY A 270 -5.75 10.63 8.24
C GLY A 270 -5.62 11.78 9.22
N TRP A 271 -6.34 11.68 10.33
CA TRP A 271 -6.32 12.70 11.37
C TRP A 271 -5.39 12.27 12.50
N ASN A 272 -4.25 12.94 12.64
CA ASN A 272 -3.24 12.50 13.60
C ASN A 272 -3.67 12.83 15.03
N GLU A 273 -3.98 11.79 15.81
CA GLU A 273 -4.48 11.99 17.20
C GLU A 273 -3.36 12.37 18.20
N LYS A 274 -2.12 12.46 17.73
CA LYS A 274 -1.06 13.15 18.49
C LYS A 274 -1.41 14.63 18.58
N ASN A 275 -2.08 15.15 17.55
CA ASN A 275 -2.52 16.54 17.54
C ASN A 275 -3.81 16.70 18.36
N GLU A 276 -3.74 17.58 19.35
CA GLU A 276 -4.86 17.91 20.24
C GLU A 276 -6.18 18.09 19.50
N LEU A 277 -6.10 18.68 18.29
CA LEU A 277 -7.29 19.00 17.51
C LEU A 277 -8.11 17.77 17.17
N PHE A 278 -7.44 16.63 17.05
CA PHE A 278 -8.07 15.43 16.50
C PHE A 278 -8.22 14.31 17.51
N LYS A 279 -8.04 14.58 18.79
CA LYS A 279 -8.18 13.54 19.79
C LYS A 279 -9.64 13.15 20.10
N ASP A 280 -10.55 14.12 20.01
CA ASP A 280 -11.97 13.91 20.33
C ASP A 280 -12.69 13.26 19.16
N LYS A 281 -13.28 12.09 19.40
CA LYS A 281 -14.08 11.40 18.41
C LYS A 281 -15.16 12.29 17.81
N LYS A 282 -15.82 13.11 18.63
CA LYS A 282 -16.92 13.94 18.14
C LYS A 282 -16.43 14.99 17.14
N VAL A 283 -15.23 15.51 17.36
CA VAL A 283 -14.60 16.44 16.42
C VAL A 283 -14.31 15.74 15.08
N ARG A 284 -13.70 14.56 15.13
CA ARG A 284 -13.45 13.79 13.90
C ARG A 284 -14.73 13.49 13.14
N GLN A 285 -15.79 13.11 13.86
CA GLN A 285 -17.09 12.90 13.24
C GLN A 285 -17.64 14.18 12.58
N ALA A 286 -17.41 15.31 13.25
CA ALA A 286 -17.83 16.62 12.74
C ALA A 286 -17.09 16.97 11.45
N LEU A 287 -15.80 16.68 11.39
CA LEU A 287 -14.99 16.97 10.20
C LEU A 287 -15.50 16.20 9.00
N THR A 288 -15.82 14.93 9.20
CA THR A 288 -16.40 14.16 8.14
C THR A 288 -17.74 14.75 7.70
N THR A 289 -18.56 15.11 8.69
CA THR A 289 -19.89 15.64 8.41
C THR A 289 -19.82 16.96 7.66
N ALA A 290 -18.73 17.70 7.83
CA ALA A 290 -18.54 18.99 7.17
C ALA A 290 -18.09 18.87 5.71
N LEU A 291 -17.71 17.66 5.30
CA LEU A 291 -17.16 17.45 3.97
C LEU A 291 -18.16 16.81 3.03
N ASP A 292 -18.36 17.47 1.89
CA ASP A 292 -19.29 17.03 0.88
C ASP A 292 -18.56 16.03 0.00
N ARG A 293 -18.46 14.80 0.48
CA ARG A 293 -17.66 13.78 -0.21
C ARG A 293 -18.22 13.40 -1.59
N GLU A 294 -19.54 13.47 -1.77
CA GLU A 294 -20.12 13.22 -3.09
C GLU A 294 -19.69 14.29 -4.09
N SER A 295 -19.69 15.55 -3.64
CA SER A 295 -19.22 16.64 -4.49
C SER A 295 -17.73 16.50 -4.81
N ILE A 296 -16.94 16.04 -3.84
CA ILE A 296 -15.51 15.78 -4.07
C ILE A 296 -15.34 14.80 -5.24
N VAL A 297 -16.03 13.68 -5.18
CA VAL A 297 -15.98 12.68 -6.24
C VAL A 297 -16.47 13.26 -7.58
N SER A 298 -17.58 14.00 -7.56
CA SER A 298 -18.11 14.61 -8.79
C SER A 298 -17.15 15.61 -9.40
N GLN A 299 -16.56 16.42 -8.53
CA GLN A 299 -15.77 17.57 -8.91
C GLN A 299 -14.39 17.07 -9.32
N VAL A 300 -13.70 16.41 -8.41
CA VAL A 300 -12.31 16.07 -8.59
C VAL A 300 -12.06 14.82 -9.44
N LEU A 301 -12.96 13.82 -9.37
CA LEU A 301 -12.81 12.55 -10.11
C LEU A 301 -13.74 12.49 -11.35
N ASP A 302 -14.46 13.58 -11.63
CA ASP A 302 -15.44 13.60 -12.70
C ASP A 302 -16.42 12.42 -12.56
N GLY A 303 -16.78 12.12 -11.33
CA GLY A 303 -17.75 11.09 -11.05
C GLY A 303 -17.25 9.66 -11.16
N ASP A 304 -15.94 9.48 -11.31
CA ASP A 304 -15.34 8.18 -11.55
C ASP A 304 -14.73 7.63 -10.28
N GLY A 305 -15.52 6.85 -9.54
CA GLY A 305 -15.15 6.41 -8.21
C GLY A 305 -16.36 6.54 -7.32
N GLU A 306 -16.38 5.82 -6.21
CA GLU A 306 -17.49 5.85 -5.27
C GLU A 306 -17.01 6.28 -3.88
N VAL A 307 -17.87 7.01 -3.17
CA VAL A 307 -17.54 7.40 -1.81
C VAL A 307 -17.39 6.15 -0.94
N ALA A 308 -16.41 6.17 -0.06
CA ALA A 308 -16.07 5.06 0.84
C ALA A 308 -16.60 5.33 2.26
N TYR A 309 -17.25 4.32 2.86
CA TYR A 309 -17.69 4.40 4.24
C TYR A 309 -17.10 3.32 5.15
N ILE A 310 -16.37 2.37 4.55
CA ILE A 310 -15.83 1.20 5.23
C ILE A 310 -14.33 1.08 4.92
N PRO A 311 -13.50 0.70 5.93
CA PRO A 311 -12.06 0.53 5.71
C PRO A 311 -11.69 -0.78 5.02
N GLU A 312 -12.37 -1.07 3.92
CA GLU A 312 -12.09 -2.30 3.15
C GLU A 312 -12.59 -2.08 1.74
N SER A 313 -11.96 -2.76 0.79
CA SER A 313 -12.33 -2.63 -0.61
C SER A 313 -13.54 -3.50 -0.92
N PRO A 314 -14.48 -2.99 -1.74
CA PRO A 314 -15.57 -3.84 -2.27
C PRO A 314 -15.12 -5.11 -2.97
N LEU A 315 -13.85 -5.21 -3.37
CA LEU A 315 -13.32 -6.42 -3.97
C LEU A 315 -13.13 -7.56 -2.96
N SER A 316 -13.07 -7.21 -1.68
CA SER A 316 -12.72 -8.18 -0.66
C SER A 316 -13.90 -9.09 -0.37
N TRP A 317 -13.61 -10.38 -0.17
CA TRP A 317 -14.63 -11.31 0.29
C TRP A 317 -15.14 -10.93 1.68
N ASN A 318 -14.40 -10.10 2.40
CA ASN A 318 -14.81 -9.71 3.74
C ASN A 318 -15.61 -8.42 3.77
N TYR A 319 -15.83 -7.80 2.62
CA TYR A 319 -16.52 -6.54 2.57
C TYR A 319 -17.95 -6.83 2.98
N PRO A 320 -18.47 -6.06 3.95
CA PRO A 320 -19.77 -6.36 4.53
C PRO A 320 -20.90 -5.92 3.60
N LYS A 321 -21.59 -6.89 3.03
CA LYS A 321 -22.63 -6.63 2.04
C LYS A 321 -23.88 -5.96 2.62
N ASP A 322 -24.21 -6.28 3.87
CA ASP A 322 -25.50 -5.92 4.47
C ASP A 322 -25.37 -5.25 5.83
N ILE A 323 -24.39 -4.36 5.96
CA ILE A 323 -24.10 -3.66 7.22
C ILE A 323 -24.56 -2.19 7.11
N ASP A 324 -25.21 -1.70 8.17
CA ASP A 324 -25.53 -0.27 8.23
C ASP A 324 -24.55 0.40 9.19
N VAL A 325 -23.54 1.02 8.64
CA VAL A 325 -22.50 1.67 9.42
C VAL A 325 -22.88 3.16 9.47
N PRO A 326 -22.46 3.90 10.54
CA PRO A 326 -22.69 5.33 10.48
C PRO A 326 -21.91 5.96 9.34
N LYS A 327 -22.58 6.79 8.55
CA LYS A 327 -21.99 7.37 7.35
C LYS A 327 -21.52 8.80 7.50
N PHE A 328 -22.07 9.55 8.46
CA PHE A 328 -21.71 10.96 8.66
C PHE A 328 -21.85 11.75 7.35
N GLU A 329 -23.00 11.56 6.71
CA GLU A 329 -23.34 12.25 5.47
C GLU A 329 -23.29 13.77 5.65
N TYR A 330 -22.91 14.45 4.57
CA TYR A 330 -22.64 15.88 4.59
C TYR A 330 -23.81 16.66 5.12
N ASN A 331 -23.53 17.50 6.11
CA ASN A 331 -24.54 18.37 6.70
C ASN A 331 -23.81 19.50 7.41
N GLU A 332 -23.67 20.64 6.75
CA GLU A 332 -22.85 21.73 7.27
C GLU A 332 -23.32 22.26 8.64
N LYS A 333 -24.62 22.45 8.80
CA LYS A 333 -25.12 23.00 10.08
C LYS A 333 -24.98 21.98 11.22
N LYS A 334 -25.12 20.69 10.92
CA LYS A 334 -24.89 19.68 11.93
C LYS A 334 -23.43 19.68 12.38
N ALA A 335 -22.48 19.80 11.43
CA ALA A 335 -21.07 19.86 11.80
C ALA A 335 -20.76 21.02 12.74
N LYS A 336 -21.35 22.18 12.44
CA LYS A 336 -21.22 23.38 13.27
C LYS A 336 -21.70 23.11 14.69
N GLN A 337 -22.85 22.46 14.79
CA GLN A 337 -23.47 22.15 16.08
C GLN A 337 -22.64 21.15 16.86
N MET A 338 -22.17 20.11 16.17
CA MET A 338 -21.30 19.10 16.79
C MET A 338 -20.03 19.72 17.35
N LEU A 339 -19.43 20.65 16.61
CA LEU A 339 -18.22 21.32 17.07
C LEU A 339 -18.49 22.22 18.28
N ALA A 340 -19.63 22.90 18.27
CA ALA A 340 -20.07 23.72 19.40
C ALA A 340 -20.27 22.84 20.63
N GLU A 341 -20.97 21.73 20.46
CA GLU A 341 -21.16 20.74 21.53
C GLU A 341 -19.81 20.23 22.07
N ALA A 342 -18.81 20.11 21.21
CA ALA A 342 -17.46 19.68 21.59
C ALA A 342 -16.60 20.81 22.17
N GLY A 343 -17.17 22.00 22.36
CA GLY A 343 -16.46 23.10 23.00
C GLY A 343 -15.84 24.14 22.09
N TRP A 344 -16.00 23.98 20.78
CA TRP A 344 -15.41 24.89 19.80
C TRP A 344 -16.39 25.99 19.40
N LYS A 345 -15.98 27.24 19.56
CA LYS A 345 -16.71 28.36 18.99
C LYS A 345 -15.75 29.53 18.82
N ASP A 346 -16.02 30.38 17.84
CA ASP A 346 -15.21 31.56 17.61
C ASP A 346 -15.46 32.52 18.77
N THR A 347 -14.42 32.82 19.55
CA THR A 347 -14.54 33.71 20.70
C THR A 347 -13.73 34.99 20.54
N ASN A 348 -13.25 35.26 19.33
CA ASN A 348 -12.45 36.45 19.09
C ASN A 348 -12.78 37.16 17.76
N GLY A 349 -13.94 36.82 17.19
CA GLY A 349 -14.43 37.45 15.95
C GLY A 349 -13.54 37.29 14.72
N ASP A 350 -12.65 36.31 14.70
CA ASP A 350 -11.71 36.17 13.58
C ASP A 350 -12.19 35.19 12.50
N GLY A 351 -13.37 34.62 12.72
CA GLY A 351 -13.95 33.68 11.79
C GLY A 351 -13.48 32.25 11.98
N ILE A 352 -12.56 32.01 12.91
CA ILE A 352 -12.09 30.64 13.09
C ILE A 352 -12.29 30.16 14.52
N LEU A 353 -12.72 28.91 14.66
CA LEU A 353 -13.13 28.37 15.95
C LEU A 353 -12.00 28.37 16.97
N ASP A 354 -12.38 28.51 18.23
CA ASP A 354 -11.46 28.73 19.34
C ASP A 354 -11.86 27.77 20.49
N LYS A 355 -10.89 27.20 21.20
CA LYS A 355 -11.13 26.41 22.39
C LYS A 355 -9.90 26.41 23.30
N ASP A 356 -10.11 26.72 24.57
CA ASP A 356 -9.05 26.69 25.59
C ASP A 356 -7.78 27.40 25.12
N GLY A 357 -7.95 28.60 24.57
CA GLY A 357 -6.82 29.41 24.09
C GLY A 357 -6.09 28.87 22.86
N LYS A 358 -6.77 28.02 22.09
CA LYS A 358 -6.20 27.42 20.87
C LYS A 358 -7.17 27.63 19.71
N LYS A 359 -6.63 27.90 18.53
CA LYS A 359 -7.47 28.10 17.34
C LYS A 359 -7.44 26.82 16.54
N PHE A 360 -8.53 26.53 15.84
CA PHE A 360 -8.62 25.31 15.04
C PHE A 360 -7.95 25.60 13.69
N SER A 361 -6.63 25.39 13.68
CA SER A 361 -5.78 25.66 12.55
C SER A 361 -4.74 24.54 12.43
N PHE A 362 -4.61 23.98 11.23
CA PHE A 362 -3.64 22.91 10.98
C PHE A 362 -3.22 22.85 9.52
N THR A 363 -2.19 22.04 9.28
CA THR A 363 -1.67 21.80 7.94
C THR A 363 -2.11 20.41 7.42
N LEU A 364 -2.69 20.41 6.21
CA LEU A 364 -3.06 19.19 5.48
C LEU A 364 -2.05 18.90 4.37
N LYS A 365 -1.34 17.78 4.54
CA LYS A 365 -0.33 17.36 3.59
C LYS A 365 -0.86 16.33 2.59
N THR A 366 -0.28 16.32 1.39
CA THR A 366 -0.46 15.17 0.48
C THR A 366 0.72 15.06 -0.45
N ASN A 367 0.74 14.05 -1.31
CA ASN A 367 1.93 13.79 -2.12
C ASN A 367 2.00 14.51 -3.46
N GLN A 368 3.15 15.17 -3.69
CA GLN A 368 3.52 15.83 -4.97
C GLN A 368 3.28 14.93 -6.16
N GLY A 369 2.47 15.40 -7.11
CA GLY A 369 2.29 14.75 -8.37
C GLY A 369 0.93 14.09 -8.51
N ASN A 370 0.23 13.91 -7.40
CA ASN A 370 -1.10 13.38 -7.45
C ASN A 370 -2.02 14.60 -7.48
N LYS A 371 -2.38 15.00 -8.68
CA LYS A 371 -3.22 16.15 -8.84
CA LYS A 371 -3.21 16.15 -8.84
C LYS A 371 -4.62 16.02 -8.29
N VAL A 372 -5.16 14.81 -8.30
CA VAL A 372 -6.41 14.54 -7.64
C VAL A 372 -6.33 14.86 -6.14
N ARG A 373 -5.29 14.38 -5.46
CA ARG A 373 -5.17 14.61 -4.00
C ARG A 373 -4.85 16.07 -3.70
N GLU A 374 -4.05 16.69 -4.54
CA GLU A 374 -3.78 18.10 -4.38
C GLU A 374 -5.09 18.88 -4.46
N ASP A 375 -5.92 18.58 -5.44
CA ASP A 375 -7.25 19.17 -5.56
C ASP A 375 -8.14 18.87 -4.34
N ILE A 376 -8.16 17.64 -3.89
CA ILE A 376 -8.94 17.33 -2.70
C ILE A 376 -8.51 18.17 -1.53
N ALA A 377 -7.21 18.39 -1.37
CA ALA A 377 -6.70 19.19 -0.25
C ALA A 377 -7.22 20.64 -0.26
N VAL A 378 -7.30 21.18 -1.46
CA VAL A 378 -7.82 22.55 -1.66
C VAL A 378 -9.34 22.56 -1.39
N VAL A 379 -10.05 21.53 -1.81
CA VAL A 379 -11.49 21.46 -1.57
C VAL A 379 -11.80 21.33 -0.06
N VAL A 380 -11.04 20.50 0.62
CA VAL A 380 -11.15 20.37 2.07
C VAL A 380 -10.87 21.72 2.74
N GLN A 381 -9.82 22.42 2.31
CA GLN A 381 -9.56 23.76 2.87
C GLN A 381 -10.74 24.67 2.71
N GLU A 382 -11.37 24.64 1.54
CA GLU A 382 -12.50 25.54 1.29
C GLU A 382 -13.73 25.15 2.10
N GLN A 383 -14.05 23.85 2.12
CA GLN A 383 -15.23 23.36 2.84
C GLN A 383 -15.12 23.55 4.35
N LEU A 384 -13.94 23.30 4.92
CA LEU A 384 -13.76 23.50 6.36
C LEU A 384 -13.69 24.97 6.76
N LYS A 385 -13.28 25.83 5.83
CA LYS A 385 -13.27 27.27 6.10
C LYS A 385 -14.69 27.74 6.46
N LYS A 386 -15.68 27.22 5.76
CA LYS A 386 -17.09 27.55 5.97
C LYS A 386 -17.61 27.29 7.39
N ILE A 387 -16.98 26.38 8.12
CA ILE A 387 -17.34 26.14 9.51
C ILE A 387 -16.28 26.64 10.51
N GLY A 388 -15.40 27.52 10.06
CA GLY A 388 -14.44 28.20 10.93
C GLY A 388 -13.21 27.39 11.29
N ILE A 389 -12.82 26.48 10.39
CA ILE A 389 -11.59 25.73 10.57
C ILE A 389 -10.59 26.16 9.49
N GLU A 390 -9.38 26.49 9.93
CA GLU A 390 -8.32 27.03 9.07
C GLU A 390 -7.35 25.91 8.69
N VAL A 391 -7.23 25.65 7.40
CA VAL A 391 -6.28 24.66 6.92
C VAL A 391 -5.27 25.26 5.92
N LYS A 392 -3.99 24.98 6.19
CA LYS A 392 -2.88 25.25 5.29
C LYS A 392 -2.63 23.97 4.51
N THR A 393 -2.51 24.05 3.20
CA THR A 393 -2.20 22.83 2.44
C THR A 393 -0.70 22.77 2.21
N GLN A 394 -0.14 21.56 2.10
CA GLN A 394 1.28 21.41 1.84
C GLN A 394 1.48 20.15 1.01
N ILE A 395 2.17 20.29 -0.12
CA ILE A 395 2.43 19.18 -1.03
C ILE A 395 3.86 18.76 -0.76
N VAL A 396 4.09 17.47 -0.57
CA VAL A 396 5.42 16.98 -0.27
C VAL A 396 5.78 15.78 -1.13
N GLU A 397 7.06 15.70 -1.46
CA GLU A 397 7.56 14.68 -2.35
C GLU A 397 7.34 13.32 -1.70
N TRP A 398 6.98 12.34 -2.51
CA TRP A 398 6.51 11.03 -2.02
C TRP A 398 7.41 10.36 -1.01
N SER A 399 8.69 10.17 -1.35
CA SER A 399 9.60 9.47 -0.44
C SER A 399 9.70 10.19 0.89
N ALA A 400 9.75 11.52 0.85
CA ALA A 400 9.81 12.29 2.07
C ALA A 400 8.55 12.20 2.90
N LEU A 401 7.38 12.24 2.25
CA LEU A 401 6.12 12.14 2.96
C LEU A 401 5.98 10.75 3.63
N VAL A 402 6.41 9.69 2.96
CA VAL A 402 6.43 8.37 3.54
C VAL A 402 7.29 8.36 4.78
N GLU A 403 8.44 9.02 4.74
CA GLU A 403 9.33 9.06 5.87
C GLU A 403 8.71 9.84 7.03
N GLN A 404 8.03 10.92 6.70
CA GLN A 404 7.38 11.78 7.68
C GLN A 404 6.23 11.08 8.41
N MET A 405 5.41 10.29 7.70
CA MET A 405 4.23 9.70 8.34
C MET A 405 4.61 8.53 9.24
N ASN A 406 5.70 7.85 8.91
CA ASN A 406 6.13 6.62 9.61
C ASN A 406 6.76 6.89 10.98
N PRO A 407 6.74 5.90 11.88
CA PRO A 407 7.55 5.99 13.07
C PRO A 407 9.01 6.23 12.67
N PRO A 408 9.78 6.95 13.49
CA PRO A 408 9.46 7.58 14.75
C PRO A 408 8.98 9.03 14.64
N ASN A 409 8.48 9.43 13.46
CA ASN A 409 8.23 10.84 13.14
C ASN A 409 6.78 11.26 13.31
N TRP A 410 5.86 10.58 12.63
CA TRP A 410 4.45 10.95 12.64
C TRP A 410 4.26 12.45 12.46
N ASP A 411 5.00 12.98 11.49
CA ASP A 411 5.21 14.42 11.36
C ASP A 411 4.19 15.00 10.39
N PHE A 412 2.94 14.98 10.84
CA PHE A 412 1.81 15.54 10.09
C PHE A 412 0.68 15.82 11.07
N ASP A 413 -0.16 16.82 10.76
CA ASP A 413 -1.41 17.07 11.48
C ASP A 413 -2.51 16.23 10.84
N ALA A 414 -2.59 16.30 9.50
CA ALA A 414 -3.55 15.51 8.74
C ALA A 414 -2.97 15.26 7.36
N MET A 415 -3.39 14.19 6.70
CA MET A 415 -2.92 13.95 5.35
C MET A 415 -3.96 13.32 4.47
N VAL A 416 -3.93 13.67 3.19
CA VAL A 416 -4.74 12.97 2.18
C VAL A 416 -3.87 11.85 1.62
N MET A 417 -4.31 10.59 1.76
CA MET A 417 -3.39 9.46 1.54
C MET A 417 -4.21 8.28 1.08
N GLY A 418 -3.53 7.29 0.51
CA GLY A 418 -4.21 6.03 0.23
C GLY A 418 -3.52 4.80 0.79
N TRP A 419 -4.29 3.73 0.92
CA TRP A 419 -3.76 2.37 1.16
C TRP A 419 -3.95 1.48 -0.07
N SER A 420 -2.90 0.78 -0.47
CA SER A 420 -3.01 -0.43 -1.30
C SER A 420 -3.24 -1.57 -0.31
N LEU A 421 -4.46 -2.10 -0.28
CA LEU A 421 -4.84 -2.96 0.81
C LEU A 421 -4.24 -4.32 0.73
N SER A 422 -4.13 -4.97 1.87
CA SER A 422 -3.75 -6.37 1.88
C SER A 422 -4.81 -7.20 1.16
N THR A 423 -4.38 -8.26 0.49
CA THR A 423 -5.30 -9.18 -0.17
C THR A 423 -6.00 -10.11 0.81
N PHE A 424 -5.44 -10.22 2.01
CA PHE A 424 -6.07 -10.93 3.11
C PHE A 424 -6.60 -9.89 4.06
N PRO A 425 -7.92 -9.85 4.23
CA PRO A 425 -8.55 -8.74 4.93
C PRO A 425 -8.37 -8.85 6.44
N ASP A 426 -7.54 -7.97 7.01
CA ASP A 426 -7.32 -7.91 8.47
C ASP A 426 -6.82 -6.48 8.80
N GLN A 427 -7.65 -5.77 9.57
CA GLN A 427 -7.47 -4.36 9.93
C GLN A 427 -6.49 -4.14 11.07
N TYR A 428 -6.05 -5.24 11.70
CA TYR A 428 -5.14 -5.18 12.84
C TYR A 428 -3.88 -4.35 12.50
N ASP A 429 -3.31 -4.55 11.32
CA ASP A 429 -2.04 -3.92 10.96
C ASP A 429 -2.13 -2.40 10.99
N ILE A 430 -3.31 -1.88 10.69
CA ILE A 430 -3.51 -0.44 10.52
C ILE A 430 -4.18 0.22 11.73
N PHE A 431 -5.07 -0.48 12.41
CA PHE A 431 -5.90 0.13 13.47
C PHE A 431 -5.72 -0.40 14.89
N HIS A 432 -5.05 -1.53 15.08
CA HIS A 432 -4.79 -2.00 16.45
C HIS A 432 -3.77 -1.05 17.13
N SER A 433 -4.02 -0.66 18.37
CA SER A 433 -3.15 0.31 19.04
C SER A 433 -1.71 -0.14 19.28
N SER A 434 -1.50 -1.45 19.27
CA SER A 434 -0.15 -2.03 19.36
C SER A 434 0.72 -1.65 18.16
N GLN A 435 0.09 -1.19 17.07
CA GLN A 435 0.81 -0.88 15.82
C GLN A 435 1.20 0.57 15.67
N ILE A 436 0.98 1.36 16.72
CA ILE A 436 1.37 2.75 16.69
C ILE A 436 2.89 2.92 16.76
N LYS A 437 3.50 2.29 17.76
CA LYS A 437 4.91 2.57 18.05
C LYS A 437 5.85 2.20 16.92
N LYS A 438 5.64 1.04 16.31
CA LYS A 438 6.55 0.57 15.27
C LYS A 438 5.85 0.03 14.03
N GLY A 439 4.57 0.31 13.85
CA GLY A 439 3.82 -0.16 12.69
C GLY A 439 3.09 0.90 11.92
N LEU A 440 1.97 0.51 11.31
CA LEU A 440 1.26 1.35 10.37
C LEU A 440 0.09 2.15 10.94
N ASN A 441 -0.03 2.22 12.27
CA ASN A 441 -1.09 3.03 12.91
C ASN A 441 -0.54 4.44 13.10
N TYR A 442 -0.38 5.13 11.98
CA TYR A 442 0.29 6.41 11.91
C TYR A 442 -0.51 7.49 12.58
N VAL A 443 -1.82 7.30 12.72
CA VAL A 443 -2.71 8.34 13.29
C VAL A 443 -2.97 8.21 14.79
N TRP A 444 -2.32 7.23 15.44
CA TRP A 444 -2.45 7.07 16.88
C TRP A 444 -3.87 6.77 17.36
N TYR A 445 -4.54 5.93 16.60
CA TYR A 445 -5.87 5.47 16.94
C TYR A 445 -5.84 4.34 17.96
N LYS A 446 -6.65 4.47 19.02
CA LYS A 446 -6.81 3.40 19.99
C LYS A 446 -8.25 3.29 20.49
N ASN A 447 -8.88 2.14 20.22
CA ASN A 447 -10.15 1.81 20.83
C ASN A 447 -9.92 0.45 21.44
N ALA A 448 -9.89 0.36 22.77
CA ALA A 448 -9.56 -0.88 23.44
C ALA A 448 -10.53 -2.00 23.08
N GLU A 449 -11.80 -1.68 22.87
CA GLU A 449 -12.80 -2.67 22.51
C GLU A 449 -12.52 -3.19 21.09
N ALA A 450 -12.18 -2.30 20.19
CA ALA A 450 -11.80 -2.69 18.84
C ALA A 450 -10.51 -3.53 18.83
N ASP A 451 -9.55 -3.14 19.67
CA ASP A 451 -8.28 -3.90 19.81
C ASP A 451 -8.58 -5.36 20.09
N LYS A 452 -9.42 -5.59 21.10
CA LYS A 452 -9.79 -6.93 21.49
C LYS A 452 -10.45 -7.72 20.36
N LEU A 453 -11.39 -7.10 19.67
CA LEU A 453 -12.08 -7.76 18.56
C LEU A 453 -11.13 -8.18 17.43
N MET A 454 -10.23 -7.27 17.05
CA MET A 454 -9.22 -7.53 16.02
C MET A 454 -8.24 -8.64 16.41
N LYS A 455 -7.79 -8.62 17.64
CA LYS A 455 -6.93 -9.67 18.18
C LYS A 455 -7.65 -11.03 18.20
N ASP A 456 -8.87 -11.05 18.74
CA ASP A 456 -9.63 -12.30 18.85
C ASP A 456 -10.04 -12.83 17.47
N ALA A 457 -10.23 -11.94 16.50
CA ALA A 457 -10.63 -12.34 15.14
C ALA A 457 -9.58 -13.24 14.47
N LYS A 458 -8.31 -13.08 14.86
CA LYS A 458 -7.22 -13.85 14.27
C LYS A 458 -7.36 -15.35 14.44
N SER A 459 -8.08 -15.78 15.48
CA SER A 459 -8.19 -17.19 15.80
C SER A 459 -9.38 -17.87 15.12
N ILE A 460 -10.20 -17.08 14.41
CA ILE A 460 -11.41 -17.58 13.76
C ILE A 460 -11.06 -18.10 12.37
N SER A 461 -11.24 -19.41 12.18
CA SER A 461 -10.79 -20.08 10.97
C SER A 461 -11.81 -19.97 9.82
N ASP A 462 -13.06 -20.33 10.09
CA ASP A 462 -14.10 -20.23 9.06
C ASP A 462 -14.30 -18.78 8.60
N ARG A 463 -14.39 -18.57 7.28
CA ARG A 463 -14.53 -17.22 6.71
C ARG A 463 -15.87 -16.57 7.05
N LYS A 464 -16.95 -17.33 7.11
CA LYS A 464 -18.26 -16.78 7.45
C LYS A 464 -18.26 -16.26 8.88
N GLN A 465 -17.67 -17.01 9.80
CA GLN A 465 -17.57 -16.59 11.20
C GLN A 465 -16.68 -15.37 11.31
N TYR A 466 -15.58 -15.39 10.56
CA TYR A 466 -14.65 -14.26 10.50
C TYR A 466 -15.34 -12.98 10.01
N SER A 467 -16.00 -13.07 8.87
CA SER A 467 -16.71 -11.93 8.29
C SER A 467 -17.81 -11.44 9.23
N LYS A 468 -18.45 -12.34 9.96
CA LYS A 468 -19.55 -11.95 10.84
C LYS A 468 -19.03 -11.14 12.01
N GLU A 469 -17.94 -11.61 12.62
CA GLU A 469 -17.31 -10.88 13.73
C GLU A 469 -16.70 -9.57 13.25
N TYR A 470 -16.25 -9.53 11.99
CA TYR A 470 -15.70 -8.29 11.43
C TYR A 470 -16.75 -7.20 11.24
N GLU A 471 -18.02 -7.55 11.14
CA GLU A 471 -19.06 -6.51 11.12
C GLU A 471 -18.94 -5.56 12.33
N GLN A 472 -18.68 -6.12 13.50
CA GLN A 472 -18.50 -5.33 14.71
C GLN A 472 -17.28 -4.43 14.66
N ILE A 473 -16.20 -4.91 14.06
CA ILE A 473 -14.96 -4.12 13.94
C ILE A 473 -15.21 -2.93 13.02
N TYR A 474 -15.81 -3.19 11.87
CA TYR A 474 -16.20 -2.12 10.96
C TYR A 474 -17.09 -1.07 11.63
N GLN A 475 -18.08 -1.50 12.40
CA GLN A 475 -18.90 -0.55 13.15
C GLN A 475 -18.09 0.37 14.04
N LYS A 476 -17.15 -0.21 14.78
CA LYS A 476 -16.35 0.59 15.72
C LYS A 476 -15.44 1.56 14.98
N ILE A 477 -14.79 1.10 13.93
CA ILE A 477 -13.92 2.00 13.15
C ILE A 477 -14.74 3.11 12.51
N ALA A 478 -15.86 2.75 11.91
CA ALA A 478 -16.76 3.76 11.33
C ALA A 478 -17.23 4.77 12.37
N GLU A 479 -17.70 4.30 13.52
CA GLU A 479 -18.14 5.22 14.57
C GLU A 479 -17.02 6.17 15.01
N ASP A 480 -15.81 5.64 15.14
CA ASP A 480 -14.69 6.42 15.68
C ASP A 480 -14.04 7.40 14.69
N GLN A 481 -14.24 7.17 13.39
CA GLN A 481 -13.69 8.03 12.36
C GLN A 481 -12.21 8.36 12.61
N PRO A 482 -11.36 7.32 12.73
CA PRO A 482 -9.93 7.64 12.83
C PRO A 482 -9.43 8.28 11.54
N TYR A 483 -10.10 7.94 10.43
CA TYR A 483 -9.96 8.58 9.15
C TYR A 483 -11.33 9.14 8.72
N THR A 484 -11.29 10.13 7.83
CA THR A 484 -12.39 10.40 6.94
C THR A 484 -12.16 9.58 5.69
N PHE A 485 -13.02 8.60 5.45
CA PHE A 485 -12.88 7.77 4.29
C PHE A 485 -13.39 8.57 3.10
N LEU A 486 -12.63 8.61 2.00
CA LEU A 486 -13.00 9.45 0.87
C LEU A 486 -13.61 8.67 -0.29
N TYR A 487 -12.85 7.78 -0.92
CA TYR A 487 -13.39 7.01 -2.03
C TYR A 487 -12.62 5.73 -2.33
N TYR A 488 -13.26 4.84 -3.10
CA TYR A 488 -12.60 3.67 -3.68
C TYR A 488 -12.21 3.98 -5.12
N PRO A 489 -10.91 4.09 -5.41
CA PRO A 489 -10.52 4.52 -6.73
C PRO A 489 -10.53 3.44 -7.78
N ASN A 490 -10.63 3.84 -9.04
CA ASN A 490 -10.46 2.92 -10.17
C ASN A 490 -9.10 3.16 -10.82
N ASN A 491 -8.50 2.10 -11.32
CA ASN A 491 -7.31 2.20 -12.14
C ASN A 491 -7.70 2.29 -13.61
N HIS A 492 -6.96 3.11 -14.36
CA HIS A 492 -7.11 3.26 -15.81
C HIS A 492 -5.74 3.05 -16.43
N MET A 493 -5.43 1.81 -16.74
CA MET A 493 -4.07 1.45 -17.13
C MET A 493 -3.90 1.56 -18.65
N ALA A 494 -3.15 2.58 -19.07
CA ALA A 494 -2.77 2.76 -20.46
C ALA A 494 -1.52 1.95 -20.78
N MET A 495 -1.53 1.25 -21.93
CA MET A 495 -0.45 0.36 -22.32
C MET A 495 -0.40 0.27 -23.84
N PRO A 496 0.72 -0.23 -24.39
CA PRO A 496 0.78 -0.33 -25.83
C PRO A 496 -0.34 -1.18 -26.42
N GLU A 497 -0.90 -0.79 -27.56
CA GLU A 497 -2.07 -1.51 -28.10
C GLU A 497 -1.70 -2.95 -28.47
N ASN A 498 -0.42 -3.18 -28.74
CA ASN A 498 0.09 -4.51 -29.08
C ASN A 498 0.65 -5.30 -27.90
N LEU A 499 0.42 -4.82 -26.67
CA LEU A 499 0.87 -5.56 -25.49
C LEU A 499 -0.05 -6.74 -25.27
N GLU A 500 0.52 -7.95 -25.22
CA GLU A 500 -0.22 -9.20 -25.04
C GLU A 500 0.25 -9.86 -23.77
N GLY A 501 -0.55 -10.78 -23.26
CA GLY A 501 -0.23 -11.49 -22.04
C GLY A 501 -0.53 -10.75 -20.75
N TYR A 502 -1.08 -9.55 -20.87
CA TYR A 502 -1.46 -8.73 -19.72
C TYR A 502 -2.77 -9.23 -19.07
N LYS A 503 -2.80 -9.29 -17.75
CA LYS A 503 -4.02 -9.55 -16.98
C LYS A 503 -4.11 -8.47 -15.92
N TYR A 504 -5.31 -7.90 -15.78
CA TYR A 504 -5.54 -6.86 -14.79
C TYR A 504 -5.50 -7.46 -13.38
N HIS A 505 -4.65 -6.89 -12.54
CA HIS A 505 -4.52 -7.23 -11.13
C HIS A 505 -4.85 -5.98 -10.31
N PRO A 506 -5.76 -6.08 -9.33
CA PRO A 506 -6.23 -4.87 -8.64
C PRO A 506 -5.26 -4.25 -7.62
N LYS A 507 -4.20 -4.98 -7.29
CA LYS A 507 -3.20 -4.54 -6.35
C LYS A 507 -1.81 -4.31 -6.95
N ARG A 508 -1.35 -5.24 -7.78
CA ARG A 508 -0.03 -5.15 -8.41
C ARG A 508 -0.13 -4.69 -9.86
N ASP A 509 0.19 -3.42 -10.11
CA ASP A 509 0.03 -2.83 -11.46
C ASP A 509 0.87 -3.55 -12.50
N LEU A 510 2.00 -4.07 -12.07
CA LEU A 510 2.94 -4.76 -12.96
C LEU A 510 2.91 -6.27 -12.71
N TYR A 511 1.75 -6.79 -12.28
CA TYR A 511 1.64 -8.21 -12.03
C TYR A 511 2.07 -9.01 -13.25
N ASN A 512 2.98 -9.96 -13.04
CA ASN A 512 3.41 -10.92 -14.07
C ASN A 512 3.92 -10.24 -15.37
N ILE A 513 4.55 -9.09 -15.17
CA ILE A 513 5.19 -8.33 -16.26
C ILE A 513 6.18 -9.19 -17.07
N GLU A 514 6.77 -10.19 -16.42
CA GLU A 514 7.64 -11.15 -17.15
C GLU A 514 6.92 -11.97 -18.21
N LYS A 515 5.59 -11.97 -18.19
CA LYS A 515 4.82 -12.72 -19.15
C LYS A 515 4.20 -11.84 -20.24
N TRP A 516 4.36 -10.53 -20.15
CA TRP A 516 3.81 -9.63 -21.14
C TRP A 516 4.76 -9.57 -22.33
N TRP A 517 4.21 -9.36 -23.51
CA TRP A 517 5.02 -9.25 -24.71
C TRP A 517 4.38 -8.30 -25.70
N LEU A 518 5.22 -7.80 -26.60
CA LEU A 518 4.77 -6.90 -27.64
C LEU A 518 4.67 -7.64 -28.97
N ALA A 519 3.45 -7.75 -29.50
CA ALA A 519 3.21 -8.40 -30.76
C ALA A 519 3.82 -7.57 -31.89
N LYS A 520 4.53 -8.25 -32.79
CA LYS A 520 5.27 -7.63 -33.90
C LYS A 520 4.98 -8.42 -35.18
N VAL B 1 -0.76 -10.63 0.12
CA VAL B 1 0.27 -9.56 0.17
C VAL B 1 -0.25 -8.43 1.03
N ASP B 2 0.65 -7.71 1.70
CA ASP B 2 0.28 -6.84 2.79
C ASP B 2 0.05 -5.40 2.37
N SER B 3 -0.39 -4.57 3.31
CA SER B 3 -0.79 -3.21 3.01
C SER B 3 0.41 -2.32 2.73
N LYS B 4 0.23 -1.38 1.81
CA LYS B 4 1.29 -0.43 1.45
C LYS B 4 0.67 0.93 1.25
N ASN B 5 1.38 1.98 1.65
CA ASN B 5 0.99 3.37 1.33
C ASN B 5 1.01 3.52 -0.18
N THR B 6 -0.03 4.11 -0.75
CA THR B 6 -0.10 4.21 -2.22
C THR B 6 -0.13 5.66 -2.67
N SER B 7 0.65 5.95 -3.70
CA SER B 7 0.83 7.32 -4.19
C SER B 7 -0.31 7.75 -5.10
N SER B 8 -0.90 6.80 -5.83
CA SER B 8 -1.84 7.12 -6.91
C SER B 8 -3.27 7.08 -6.41
N TRP B 9 -4.18 7.68 -7.18
CA TRP B 9 -5.61 7.80 -6.86
C TRP B 9 -5.87 8.90 -5.85
#